data_6PV5
#
_entry.id   6PV5
#
_cell.length_a   171.389
_cell.length_b   171.389
_cell.length_c   128.797
_cell.angle_alpha   90.000
_cell.angle_beta   90.000
_cell.angle_gamma   120.000
#
_symmetry.space_group_name_H-M   'H 3 2'
#
loop_
_entity.id
_entity.type
_entity.pdbx_description
1 polymer 'Putative O-GlcNAcase nagJ'
2 non-polymer 1,2-ETHANEDIOL
3 water water
#
_entity_poly.entity_id   1
_entity_poly.type   'polypeptide(L)'
_entity_poly.pdbx_seq_one_letter_code
;MGSSHHHHHHSSGLVPRGSHMASDEGLKNEIKNNDITKDISIYPTPKDMTVGNSEFTLEDSVNIVGGDLADTYAFELLKN
MLTEFGIKINESEIEGATTIYIGESDDNIEEMENTLEEMNVDTSSISKDEGYVLVTDENTEGNKIVIRGNDETGTFYGVK
SLKQLIKKEDNKVILDEVVIKDEPSFKMRAVVEGFYGTPWSQEERLDQIKMYGEYKMNAYIYAPKSDPYHREKWREPYPA
SELDRMKELIKTANENKVDFVFAISPGLDIKFEGEEGEADFKALINKAETLYDMGVRSFAILWDDIENRSGVQQAEVLNR
FNKEFIKNKEGVKPLITVPVEYWGSSMFNGEEVKTYTKEFAETLDKDIEVMWTGNDVIPPNGVSLEDAKKVSNVYNRKMM
LWWNYPVNDYKEDKMALGPIYDLDRNLDEEVSGFIVNPMRFSDASKISTLTGADYGWNSVSYEAEKSWDKAIEIIAGEMK
EEFKIFANHSTRLDTGRPDSPEIKNTIDSLWEKWEAGSDISLELSNLQNEFSKMVQVPNKLRSNLENKALLNQLDSHLSK
FEIYGNAGLKSIEILQDIVNKDMSEFWSDNFEGIKLLRNLDGIKATIANNVVDPFIRKVHE
;
_entity_poly.pdbx_strand_id   A
#
loop_
_chem_comp.id
_chem_comp.type
_chem_comp.name
_chem_comp.formula
EDO non-polymer 1,2-ETHANEDIOL 'C2 H6 O2'
#
# COMPACT_ATOMS: atom_id res chain seq x y z
N ASP A 39 9.79 21.78 -8.10
CA ASP A 39 10.44 20.51 -8.51
C ASP A 39 9.41 19.59 -9.17
N ILE A 40 9.82 18.96 -10.28
CA ILE A 40 9.03 17.92 -10.91
C ILE A 40 8.88 16.79 -9.89
N SER A 41 7.67 16.24 -9.78
CA SER A 41 7.38 15.18 -8.81
C SER A 41 6.59 14.06 -9.47
N ILE A 42 7.24 12.88 -9.60
CA ILE A 42 6.58 11.69 -10.11
C ILE A 42 6.56 10.66 -8.99
N TYR A 43 5.38 10.09 -8.76
CA TYR A 43 5.19 9.13 -7.70
C TYR A 43 4.49 7.94 -8.32
N PRO A 44 4.96 6.68 -8.11
CA PRO A 44 6.19 6.39 -7.37
C PRO A 44 7.45 6.97 -8.01
N THR A 45 8.52 7.12 -7.23
CA THR A 45 9.78 7.71 -7.69
C THR A 45 10.38 6.88 -8.83
N PRO A 46 10.55 7.45 -10.04
CA PRO A 46 11.16 6.72 -11.16
C PRO A 46 12.58 6.23 -10.89
N LYS A 47 12.93 5.07 -11.44
CA LYS A 47 14.29 4.55 -11.36
C LYS A 47 15.28 5.64 -11.78
N ASP A 48 15.07 6.21 -12.98
CA ASP A 48 16.03 7.16 -13.53
C ASP A 48 15.29 8.36 -14.12
N MET A 49 15.57 9.55 -13.61
CA MET A 49 14.95 10.75 -14.14
C MET A 49 15.96 11.89 -14.17
N THR A 50 16.06 12.51 -15.35
CA THR A 50 16.88 13.69 -15.57
C THR A 50 15.99 14.80 -16.12
N VAL A 51 15.99 15.95 -15.44
CA VAL A 51 15.23 17.13 -15.83
C VAL A 51 16.08 17.94 -16.80
N GLY A 52 15.43 18.56 -17.80
CA GLY A 52 16.10 19.39 -18.78
C GLY A 52 16.07 20.89 -18.43
N ASN A 53 16.77 21.70 -19.23
CA ASN A 53 16.90 23.13 -18.98
C ASN A 53 15.58 23.84 -19.28
N SER A 54 14.98 23.53 -20.44
CA SER A 54 13.86 24.30 -20.96
C SER A 54 12.51 23.67 -20.58
N GLU A 55 11.44 24.45 -20.74
CA GLU A 55 10.08 23.98 -20.72
C GLU A 55 9.51 24.07 -22.14
N PHE A 56 8.20 23.86 -22.28
CA PHE A 56 7.48 24.23 -23.48
C PHE A 56 5.97 24.23 -23.22
N THR A 57 5.22 24.73 -24.20
CA THR A 57 3.77 24.84 -24.13
C THR A 57 3.15 23.99 -25.24
N LEU A 58 1.82 23.85 -25.21
CA LEU A 58 1.12 23.01 -26.17
C LEU A 58 0.14 23.87 -26.97
N GLU A 59 0.11 23.63 -28.30
CA GLU A 59 -0.89 24.22 -29.16
C GLU A 59 -2.24 23.56 -28.87
N ASP A 60 -3.30 24.04 -29.54
CA ASP A 60 -4.63 23.48 -29.35
C ASP A 60 -4.79 22.21 -30.20
N SER A 61 -3.83 21.98 -31.11
CA SER A 61 -3.78 20.77 -31.92
C SER A 61 -2.44 20.07 -31.68
N VAL A 62 -2.47 18.73 -31.69
CA VAL A 62 -1.35 17.94 -31.22
C VAL A 62 -0.84 17.02 -32.33
N ASN A 63 -1.69 16.07 -32.76
CA ASN A 63 -1.28 14.99 -33.65
C ASN A 63 -0.43 13.97 -32.88
N ILE A 64 -1.02 12.81 -32.59
CA ILE A 64 -0.34 11.72 -31.93
C ILE A 64 -0.01 10.65 -32.97
N VAL A 65 1.25 10.21 -33.00
CA VAL A 65 1.74 9.24 -33.97
C VAL A 65 1.78 7.84 -33.34
N GLY A 66 0.69 7.08 -33.51
CA GLY A 66 0.56 5.74 -32.97
C GLY A 66 -0.89 5.41 -32.62
N LEU A 69 -2.38 0.58 -33.16
CA LEU A 69 -0.93 0.35 -32.96
C LEU A 69 -0.59 0.24 -31.47
N ALA A 70 -1.05 1.22 -30.68
CA ALA A 70 -0.72 1.33 -29.26
C ALA A 70 -1.83 0.74 -28.39
N ASP A 71 -1.48 0.40 -27.14
CA ASP A 71 -2.41 -0.18 -26.18
C ASP A 71 -3.67 0.67 -26.11
N THR A 72 -4.83 0.01 -26.28
CA THR A 72 -6.12 0.65 -26.18
C THR A 72 -6.12 1.65 -25.03
N TYR A 73 -5.73 1.17 -23.83
CA TYR A 73 -5.89 1.93 -22.61
C TYR A 73 -4.85 3.04 -22.52
N ALA A 74 -3.57 2.69 -22.71
CA ALA A 74 -2.52 3.69 -22.73
C ALA A 74 -2.93 4.85 -23.63
N PHE A 75 -3.56 4.51 -24.78
CA PHE A 75 -3.96 5.45 -25.82
C PHE A 75 -5.17 6.28 -25.39
N GLU A 76 -6.22 5.59 -24.93
CA GLU A 76 -7.43 6.24 -24.43
C GLU A 76 -7.09 7.17 -23.27
N LEU A 77 -6.06 6.81 -22.47
CA LEU A 77 -5.55 7.66 -21.41
C LEU A 77 -4.98 8.94 -22.01
N LEU A 78 -4.07 8.78 -22.98
CA LEU A 78 -3.41 9.92 -23.62
C LEU A 78 -4.45 10.92 -24.11
N LYS A 79 -5.52 10.40 -24.73
CA LYS A 79 -6.59 11.20 -25.32
C LYS A 79 -7.31 12.01 -24.24
N ASN A 80 -7.90 11.29 -23.28
CA ASN A 80 -8.74 11.87 -22.24
C ASN A 80 -7.99 12.98 -21.51
N MET A 81 -6.66 12.86 -21.51
CA MET A 81 -5.80 13.82 -20.85
C MET A 81 -5.67 15.06 -21.73
N LEU A 82 -5.37 14.85 -23.02
CA LEU A 82 -5.21 15.94 -23.97
C LEU A 82 -6.48 16.78 -24.00
N THR A 83 -7.63 16.10 -23.97
CA THR A 83 -8.92 16.76 -24.12
C THR A 83 -9.35 17.39 -22.79
N GLU A 84 -8.69 17.01 -21.70
CA GLU A 84 -8.96 17.61 -20.39
C GLU A 84 -8.31 18.99 -20.33
N ILE A 87 -6.12 20.00 -25.96
CA ILE A 87 -5.40 19.70 -27.19
C ILE A 87 -6.26 18.77 -28.05
N LYS A 88 -5.99 18.76 -29.36
CA LYS A 88 -6.74 17.95 -30.30
C LYS A 88 -5.78 17.24 -31.25
N ILE A 89 -6.26 16.20 -31.94
CA ILE A 89 -5.40 15.40 -32.78
C ILE A 89 -5.39 15.96 -34.21
N ASN A 90 -4.26 16.53 -34.60
CA ASN A 90 -4.01 16.99 -35.95
C ASN A 90 -3.65 15.80 -36.84
N GLU A 91 -3.62 16.02 -38.16
CA GLU A 91 -3.38 14.96 -39.14
C GLU A 91 -2.03 15.15 -39.83
N SER A 92 -1.43 16.34 -39.68
CA SER A 92 -0.18 16.67 -40.37
C SER A 92 0.63 17.71 -39.60
N GLU A 93 1.90 17.88 -40.02
CA GLU A 93 2.89 18.72 -39.38
C GLU A 93 2.49 20.20 -39.42
N TYR A 101 4.63 19.79 -30.03
CA TYR A 101 4.12 19.50 -31.39
C TYR A 101 3.92 17.99 -31.57
N ILE A 102 5.02 17.22 -31.53
CA ILE A 102 4.98 15.80 -31.85
C ILE A 102 4.98 14.96 -30.57
N GLY A 103 4.17 13.91 -30.57
CA GLY A 103 4.07 12.95 -29.47
C GLY A 103 3.97 11.51 -30.00
N GLU A 104 5.03 10.73 -29.77
CA GLU A 104 5.12 9.36 -30.29
C GLU A 104 4.97 8.35 -29.15
N SER A 105 3.86 7.58 -29.18
CA SER A 105 3.49 6.67 -28.12
C SER A 105 3.44 5.25 -28.66
N ASP A 106 4.35 4.40 -28.17
CA ASP A 106 4.59 3.10 -28.79
C ASP A 106 5.17 2.12 -27.77
N ASP A 107 4.91 0.84 -28.02
CA ASP A 107 5.51 -0.27 -27.28
C ASP A 107 6.70 -0.78 -28.10
N ASN A 108 7.51 -1.66 -27.50
CA ASN A 108 8.68 -2.20 -28.20
C ASN A 108 8.26 -3.23 -29.24
N ILE A 109 7.12 -3.89 -28.99
CA ILE A 109 6.59 -4.94 -29.86
C ILE A 109 6.05 -4.34 -31.16
N GLU A 110 6.06 -3.00 -31.25
CA GLU A 110 5.55 -2.29 -32.41
C GLU A 110 6.70 -1.99 -33.37
N GLU A 111 7.89 -1.71 -32.80
CA GLU A 111 9.08 -1.35 -33.55
C GLU A 111 8.75 -0.20 -34.51
N MET A 112 8.02 0.80 -34.02
CA MET A 112 7.57 1.94 -34.80
C MET A 112 8.76 2.82 -35.19
N GLU A 113 8.80 3.20 -36.48
CA GLU A 113 9.97 3.76 -37.13
C GLU A 113 10.25 5.18 -36.64
N ASN A 114 9.25 6.07 -36.79
CA ASN A 114 9.42 7.49 -36.51
C ASN A 114 9.75 7.71 -35.02
N THR A 115 9.38 6.72 -34.19
CA THR A 115 9.62 6.77 -32.76
C THR A 115 11.06 6.38 -32.45
N LEU A 116 11.45 5.16 -32.88
CA LEU A 116 12.74 4.57 -32.57
C LEU A 116 13.86 5.44 -33.12
N GLU A 117 13.60 6.02 -34.31
CA GLU A 117 14.52 6.95 -34.96
C GLU A 117 14.75 8.17 -34.08
N GLU A 118 13.64 8.82 -33.67
CA GLU A 118 13.64 10.06 -32.91
C GLU A 118 14.38 9.89 -31.57
N MET A 119 14.24 8.69 -30.96
CA MET A 119 14.72 8.42 -29.62
C MET A 119 16.18 7.97 -29.66
N ASN A 120 16.98 8.66 -30.48
CA ASN A 120 18.38 8.33 -30.68
C ASN A 120 19.24 8.96 -29.57
N VAL A 121 18.74 10.06 -28.98
CA VAL A 121 19.49 10.88 -28.05
C VAL A 121 19.75 10.12 -26.75
N ASP A 122 18.77 9.28 -26.35
CA ASP A 122 18.81 8.55 -25.08
C ASP A 122 18.86 7.05 -25.34
N THR A 123 19.66 6.34 -24.53
CA THR A 123 19.95 4.91 -24.71
C THR A 123 19.07 4.07 -23.78
N SER A 124 18.66 2.88 -24.25
CA SER A 124 17.71 2.04 -23.55
C SER A 124 18.36 0.79 -22.97
N SER A 125 18.61 0.81 -21.65
CA SER A 125 18.74 -0.40 -20.84
C SER A 125 17.63 -0.39 -19.78
N ILE A 126 16.39 -0.35 -20.28
CA ILE A 126 15.20 -0.68 -19.53
C ILE A 126 14.70 -2.01 -20.12
N SER A 127 14.93 -3.11 -19.40
CA SER A 127 14.67 -4.43 -19.94
C SER A 127 13.43 -5.07 -19.33
N LYS A 128 13.13 -4.71 -18.07
CA LYS A 128 12.12 -5.43 -17.31
C LYS A 128 10.74 -5.17 -17.91
N ASP A 129 9.84 -6.12 -17.68
CA ASP A 129 8.42 -5.94 -17.96
C ASP A 129 7.89 -4.75 -17.15
N GLU A 130 6.95 -4.01 -17.76
CA GLU A 130 6.31 -2.81 -17.23
C GLU A 130 7.27 -1.63 -17.27
N GLY A 131 8.51 -1.85 -17.72
CA GLY A 131 9.44 -0.74 -17.94
C GLY A 131 8.93 0.21 -19.02
N TYR A 132 9.41 1.46 -18.99
CA TYR A 132 9.08 2.44 -20.02
C TYR A 132 10.15 3.51 -20.05
N VAL A 133 10.22 4.23 -21.18
CA VAL A 133 10.96 5.48 -21.26
C VAL A 133 9.95 6.58 -21.60
N LEU A 134 10.18 7.77 -21.01
CA LEU A 134 9.35 8.95 -21.21
C LEU A 134 10.27 10.13 -21.41
N VAL A 135 10.12 10.80 -22.56
CA VAL A 135 10.96 11.93 -22.93
C VAL A 135 10.06 13.11 -23.29
N THR A 136 10.51 14.31 -22.93
CA THR A 136 9.91 15.54 -23.44
C THR A 136 11.05 16.52 -23.75
N ASP A 137 10.97 17.20 -24.89
CA ASP A 137 12.04 18.09 -25.32
C ASP A 137 11.51 19.24 -26.17
N GLU A 138 12.15 20.41 -26.00
CA GLU A 138 11.92 21.62 -26.79
C GLU A 138 13.07 21.80 -27.77
N ASN A 143 9.38 20.57 -30.67
CA ASN A 143 8.67 20.04 -29.46
C ASN A 143 8.20 18.61 -29.74
N LYS A 144 8.83 17.64 -29.08
CA LYS A 144 8.43 16.25 -29.15
C LYS A 144 8.30 15.68 -27.74
N ILE A 145 7.43 14.67 -27.60
CA ILE A 145 7.24 13.92 -26.36
C ILE A 145 7.05 12.45 -26.71
N VAL A 146 7.91 11.58 -26.16
CA VAL A 146 7.94 10.16 -26.49
C VAL A 146 7.52 9.32 -25.27
N ILE A 147 6.61 8.36 -25.51
CA ILE A 147 6.10 7.41 -24.53
C ILE A 147 6.34 6.00 -25.03
N ARG A 148 7.52 5.44 -24.75
CA ARG A 148 7.89 4.12 -25.24
C ARG A 148 7.95 3.10 -24.09
N GLY A 149 6.96 2.19 -24.06
CA GLY A 149 6.96 1.11 -23.10
C GLY A 149 7.77 -0.07 -23.59
N ASN A 150 7.97 -1.07 -22.71
CA ASN A 150 8.52 -2.36 -23.11
C ASN A 150 7.35 -3.30 -23.39
N ASP A 151 6.13 -2.82 -23.15
CA ASP A 151 4.94 -3.65 -23.23
C ASP A 151 3.71 -2.78 -23.02
N GLU A 152 2.52 -3.39 -23.11
CA GLU A 152 1.27 -2.66 -23.05
C GLU A 152 1.10 -1.97 -21.70
N THR A 153 1.60 -2.62 -20.64
CA THR A 153 1.51 -2.06 -19.30
C THR A 153 2.47 -0.89 -19.19
N GLY A 154 3.71 -1.10 -19.67
CA GLY A 154 4.76 -0.10 -19.66
C GLY A 154 4.30 1.24 -20.26
N THR A 155 3.48 1.15 -21.32
CA THR A 155 3.04 2.31 -22.08
C THR A 155 1.95 3.05 -21.29
N PHE A 156 1.05 2.28 -20.67
CA PHE A 156 0.05 2.77 -19.73
C PHE A 156 0.72 3.54 -18.59
N TYR A 157 1.77 2.97 -17.98
CA TYR A 157 2.49 3.62 -16.89
C TYR A 157 3.25 4.83 -17.38
N GLY A 158 3.70 4.81 -18.64
CA GLY A 158 4.35 5.95 -19.24
C GLY A 158 3.42 7.15 -19.26
N VAL A 159 2.15 6.90 -19.59
CA VAL A 159 1.14 7.94 -19.67
C VAL A 159 0.75 8.42 -18.27
N LYS A 160 0.68 7.49 -17.31
CA LYS A 160 0.40 7.84 -15.92
C LYS A 160 1.49 8.79 -15.42
N SER A 161 2.74 8.55 -15.82
CA SER A 161 3.82 9.43 -15.44
C SER A 161 3.70 10.76 -16.18
N LEU A 162 3.25 10.71 -17.44
CA LEU A 162 3.05 11.94 -18.21
C LEU A 162 1.99 12.79 -17.52
N LYS A 163 0.87 12.17 -17.11
CA LYS A 163 -0.26 12.85 -16.50
C LYS A 163 0.15 13.61 -15.24
N GLN A 164 1.28 13.22 -14.62
CA GLN A 164 1.79 13.87 -13.43
C GLN A 164 2.83 14.92 -13.78
N LEU A 165 3.24 14.98 -15.06
CA LEU A 165 4.24 15.95 -15.48
C LEU A 165 3.57 17.27 -15.88
N ILE A 166 2.36 17.19 -16.41
CA ILE A 166 1.66 18.34 -16.95
C ILE A 166 1.37 19.33 -15.82
N LYS A 167 1.87 20.56 -15.97
CA LYS A 167 1.40 21.69 -15.20
C LYS A 167 0.44 22.49 -16.06
N LYS A 168 -0.77 22.76 -15.53
CA LYS A 168 -1.74 23.62 -16.20
C LYS A 168 -1.53 25.06 -15.71
N ASN A 171 -4.09 31.15 -17.74
CA ASN A 171 -3.59 29.76 -17.66
C ASN A 171 -2.93 29.39 -18.99
N LYS A 172 -1.73 28.81 -18.89
CA LYS A 172 -1.09 28.08 -19.99
C LYS A 172 -0.94 26.61 -19.56
N VAL A 173 -0.81 25.70 -20.55
CA VAL A 173 -0.63 24.29 -20.26
C VAL A 173 0.77 23.86 -20.68
N ILE A 174 1.70 23.89 -19.72
CA ILE A 174 3.11 23.62 -19.97
C ILE A 174 3.40 22.14 -19.72
N LEU A 175 4.58 21.70 -20.18
CA LEU A 175 5.05 20.34 -19.98
C LEU A 175 6.57 20.37 -20.01
N ASP A 176 7.19 20.28 -18.81
CA ASP A 176 8.63 20.33 -18.59
C ASP A 176 9.35 19.34 -19.49
N GLU A 177 10.66 19.53 -19.67
CA GLU A 177 11.42 18.55 -20.42
C GLU A 177 12.17 17.64 -19.47
N VAL A 178 12.02 16.33 -19.70
CA VAL A 178 12.65 15.31 -18.88
C VAL A 178 12.99 14.10 -19.75
N VAL A 179 13.98 13.33 -19.28
CA VAL A 179 14.15 11.95 -19.69
C VAL A 179 13.95 11.09 -18.44
N ILE A 180 12.99 10.16 -18.52
CA ILE A 180 12.76 9.19 -17.46
C ILE A 180 12.98 7.80 -18.04
N LYS A 181 13.85 7.02 -17.37
CA LYS A 181 14.02 5.61 -17.65
C LYS A 181 13.55 4.83 -16.41
N ASP A 182 12.48 4.02 -16.55
CA ASP A 182 11.74 3.60 -15.37
C ASP A 182 11.24 2.17 -15.50
N GLU A 183 11.26 1.45 -14.36
CA GLU A 183 10.78 0.08 -14.26
C GLU A 183 10.68 -0.31 -12.79
N PRO A 184 9.87 -1.34 -12.45
CA PRO A 184 9.63 -1.72 -11.06
C PRO A 184 10.62 -2.68 -10.39
N SER A 185 10.85 -2.45 -9.08
CA SER A 185 11.63 -3.32 -8.21
C SER A 185 10.95 -4.69 -8.06
N PHE A 186 9.63 -4.69 -7.86
CA PHE A 186 8.93 -5.94 -7.64
C PHE A 186 7.96 -6.14 -8.80
N LYS A 187 7.84 -7.40 -9.25
CA LYS A 187 7.08 -7.68 -10.46
C LYS A 187 5.59 -7.76 -10.10
N MET A 188 5.32 -8.04 -8.83
CA MET A 188 3.95 -7.98 -8.33
C MET A 188 3.89 -6.99 -7.16
N ARG A 189 3.04 -5.96 -7.35
CA ARG A 189 2.80 -4.89 -6.39
C ARG A 189 1.30 -4.81 -6.15
N ALA A 190 0.83 -5.40 -5.04
CA ALA A 190 -0.58 -5.70 -4.91
C ALA A 190 -1.13 -5.12 -3.61
N VAL A 191 -2.46 -5.08 -3.55
CA VAL A 191 -3.20 -4.92 -2.31
C VAL A 191 -4.08 -6.15 -2.19
N VAL A 192 -4.14 -6.76 -0.99
CA VAL A 192 -5.06 -7.85 -0.74
C VAL A 192 -6.16 -7.31 0.18
N GLU A 193 -7.42 -7.61 -0.15
CA GLU A 193 -8.50 -7.42 0.81
C GLU A 193 -8.48 -8.56 1.83
N GLY A 194 -7.56 -8.49 2.79
CA GLY A 194 -7.38 -9.61 3.69
C GLY A 194 -7.65 -9.28 5.16
N PHE A 195 -8.36 -8.19 5.47
CA PHE A 195 -8.71 -7.90 6.86
C PHE A 195 -10.00 -8.64 7.25
N TYR A 196 -10.13 -8.97 8.55
CA TYR A 196 -11.43 -9.26 9.14
C TYR A 196 -12.19 -7.96 9.43
N GLY A 197 -13.51 -8.09 9.52
CA GLY A 197 -14.42 -6.97 9.68
C GLY A 197 -15.20 -6.70 8.40
N THR A 198 -16.04 -5.66 8.42
CA THR A 198 -16.89 -5.27 7.31
C THR A 198 -16.07 -5.10 6.04
N PRO A 199 -16.50 -5.75 4.92
CA PRO A 199 -15.77 -5.65 3.65
C PRO A 199 -15.87 -4.26 3.03
N TRP A 200 -14.96 -3.99 2.09
CA TRP A 200 -15.14 -2.84 1.24
C TRP A 200 -16.39 -3.04 0.40
N SER A 201 -17.08 -1.92 0.17
CA SER A 201 -18.23 -1.86 -0.72
C SER A 201 -17.71 -1.83 -2.15
N GLN A 202 -18.65 -1.99 -3.09
CA GLN A 202 -18.39 -1.95 -4.51
C GLN A 202 -17.74 -0.62 -4.88
N GLU A 203 -18.29 0.50 -4.38
CA GLU A 203 -17.74 1.81 -4.69
C GLU A 203 -16.29 1.90 -4.17
N GLU A 204 -16.04 1.39 -2.96
CA GLU A 204 -14.68 1.46 -2.40
C GLU A 204 -13.71 0.63 -3.25
N ARG A 205 -14.11 -0.60 -3.57
CA ARG A 205 -13.29 -1.48 -4.38
C ARG A 205 -12.91 -0.85 -5.71
N LEU A 206 -13.91 -0.28 -6.40
CA LEU A 206 -13.68 0.34 -7.70
C LEU A 206 -12.77 1.54 -7.51
N ASP A 207 -13.05 2.29 -6.43
CA ASP A 207 -12.24 3.45 -6.13
C ASP A 207 -10.81 3.00 -5.86
N GLN A 208 -10.64 1.93 -5.07
CA GLN A 208 -9.29 1.42 -4.81
C GLN A 208 -8.57 1.01 -6.10
N ILE A 209 -9.25 0.23 -6.95
CA ILE A 209 -8.64 -0.25 -8.18
C ILE A 209 -8.11 0.90 -9.03
N LYS A 210 -8.88 1.99 -9.14
CA LYS A 210 -8.45 3.12 -9.95
C LYS A 210 -7.19 3.74 -9.36
N MET A 211 -7.10 3.77 -8.02
CA MET A 211 -5.95 4.35 -7.35
C MET A 211 -4.70 3.49 -7.65
N TYR A 212 -4.88 2.18 -7.71
CA TYR A 212 -3.76 1.27 -7.97
C TYR A 212 -3.10 1.55 -9.32
N GLY A 213 -3.93 1.71 -10.37
CA GLY A 213 -3.46 2.00 -11.72
C GLY A 213 -2.80 3.37 -11.79
N GLU A 214 -3.35 4.32 -11.03
CA GLU A 214 -2.78 5.66 -10.96
C GLU A 214 -1.34 5.63 -10.45
N TYR A 215 -1.04 4.67 -9.56
CA TYR A 215 0.24 4.68 -8.86
C TYR A 215 1.04 3.42 -9.15
N LYS A 216 0.63 2.70 -10.21
CA LYS A 216 1.41 1.64 -10.84
C LYS A 216 1.48 0.40 -9.94
N MET A 217 0.43 0.19 -9.13
CA MET A 217 0.25 -1.11 -8.48
C MET A 217 -0.55 -1.99 -9.42
N ASN A 218 -0.12 -3.25 -9.59
CA ASN A 218 -0.53 -4.02 -10.74
C ASN A 218 -1.41 -5.19 -10.33
N ALA A 219 -1.81 -5.28 -9.05
CA ALA A 219 -2.69 -6.38 -8.71
C ALA A 219 -3.60 -6.04 -7.52
N TYR A 220 -4.79 -6.65 -7.56
CA TYR A 220 -5.72 -6.61 -6.45
C TYR A 220 -6.14 -8.05 -6.13
N ILE A 221 -5.83 -8.49 -4.92
CA ILE A 221 -6.19 -9.84 -4.52
C ILE A 221 -7.55 -9.82 -3.82
N TYR A 222 -8.54 -10.36 -4.53
CA TYR A 222 -9.90 -10.43 -4.02
C TYR A 222 -10.03 -11.60 -3.06
N ALA A 223 -9.92 -11.31 -1.77
CA ALA A 223 -9.92 -12.38 -0.78
C ALA A 223 -10.84 -12.06 0.41
N PRO A 224 -12.07 -11.52 0.20
CA PRO A 224 -12.87 -11.01 1.31
C PRO A 224 -13.34 -12.17 2.18
N LYS A 225 -12.99 -12.08 3.47
CA LYS A 225 -13.23 -13.15 4.43
C LYS A 225 -14.72 -13.47 4.52
N SER A 226 -15.57 -12.48 4.28
CA SER A 226 -17.00 -12.63 4.51
C SER A 226 -17.73 -13.09 3.25
N ASP A 227 -17.07 -13.08 2.08
CA ASP A 227 -17.69 -13.57 0.86
C ASP A 227 -17.63 -15.10 0.81
N PRO A 228 -18.77 -15.80 1.03
CA PRO A 228 -18.74 -17.26 1.18
C PRO A 228 -18.29 -18.07 -0.04
N TYR A 229 -18.36 -17.47 -1.23
CA TYR A 229 -18.04 -18.13 -2.49
C TYR A 229 -16.52 -18.16 -2.70
N HIS A 230 -15.79 -17.51 -1.80
CA HIS A 230 -14.35 -17.65 -1.87
C HIS A 230 -13.92 -18.77 -0.92
N ARG A 231 -14.83 -19.20 -0.01
CA ARG A 231 -14.44 -20.03 1.12
C ARG A 231 -15.49 -21.09 1.48
N GLU A 232 -16.53 -20.71 2.24
CA GLU A 232 -17.50 -21.68 2.74
C GLU A 232 -18.14 -22.40 1.55
N LYS A 233 -18.49 -21.61 0.53
CA LYS A 233 -19.12 -22.14 -0.68
C LYS A 233 -18.15 -22.08 -1.85
N TRP A 234 -16.89 -22.49 -1.65
CA TRP A 234 -15.89 -22.37 -2.71
C TRP A 234 -16.25 -23.21 -3.94
N ARG A 235 -16.98 -24.31 -3.72
CA ARG A 235 -17.36 -25.18 -4.83
C ARG A 235 -18.39 -24.50 -5.73
N GLU A 236 -19.20 -23.58 -5.17
CA GLU A 236 -20.37 -23.07 -5.85
C GLU A 236 -19.99 -21.86 -6.73
N PRO A 237 -20.48 -21.81 -7.98
CA PRO A 237 -20.25 -20.65 -8.84
C PRO A 237 -20.97 -19.42 -8.30
N TYR A 238 -20.60 -18.23 -8.80
CA TYR A 238 -21.29 -17.02 -8.36
C TYR A 238 -22.72 -17.01 -8.90
N PRO A 239 -23.73 -16.84 -8.00
CA PRO A 239 -25.13 -16.68 -8.41
C PRO A 239 -25.33 -15.63 -9.50
N ALA A 240 -26.54 -15.60 -10.07
CA ALA A 240 -26.86 -14.70 -11.16
C ALA A 240 -26.77 -13.24 -10.69
N SER A 241 -27.22 -13.00 -9.45
CA SER A 241 -27.30 -11.67 -8.87
C SER A 241 -25.92 -11.01 -8.76
N GLU A 242 -24.86 -11.83 -8.70
CA GLU A 242 -23.55 -11.35 -8.32
C GLU A 242 -22.69 -10.99 -9.53
N LEU A 243 -23.11 -11.44 -10.73
CA LEU A 243 -22.23 -11.45 -11.90
C LEU A 243 -21.86 -10.04 -12.35
N ASP A 244 -22.85 -9.14 -12.40
CA ASP A 244 -22.61 -7.78 -12.88
C ASP A 244 -21.66 -7.06 -11.90
N ARG A 245 -21.75 -7.45 -10.63
CA ARG A 245 -20.91 -6.88 -9.58
C ARG A 245 -19.46 -7.25 -9.86
N MET A 246 -19.22 -8.54 -10.15
CA MET A 246 -17.88 -9.07 -10.31
C MET A 246 -17.25 -8.57 -11.62
N LYS A 247 -18.05 -8.49 -12.70
CA LYS A 247 -17.56 -8.12 -14.02
C LYS A 247 -17.06 -6.68 -14.00
N GLU A 248 -17.81 -5.84 -13.29
CA GLU A 248 -17.44 -4.44 -13.16
C GLU A 248 -16.06 -4.33 -12.48
N LEU A 249 -15.87 -5.10 -11.40
CA LEU A 249 -14.57 -5.18 -10.75
C LEU A 249 -13.50 -5.59 -11.76
N ILE A 250 -13.75 -6.73 -12.45
CA ILE A 250 -12.75 -7.29 -13.36
C ILE A 250 -12.48 -6.32 -14.50
N LYS A 251 -13.55 -5.77 -15.08
CA LYS A 251 -13.40 -4.82 -16.17
C LYS A 251 -12.63 -3.59 -15.70
N THR A 252 -13.00 -3.05 -14.53
CA THR A 252 -12.30 -1.86 -14.05
C THR A 252 -10.83 -2.19 -13.81
N ALA A 253 -10.56 -3.40 -13.30
CA ALA A 253 -9.17 -3.79 -13.05
C ALA A 253 -8.41 -3.87 -14.38
N ASN A 254 -9.04 -4.51 -15.37
CA ASN A 254 -8.45 -4.66 -16.69
C ASN A 254 -8.10 -3.31 -17.29
N GLU A 255 -9.05 -2.37 -17.25
CA GLU A 255 -8.81 -1.06 -17.84
C GLU A 255 -7.67 -0.34 -17.13
N ASN A 256 -7.31 -0.78 -15.91
CA ASN A 256 -6.35 -0.06 -15.09
C ASN A 256 -4.99 -0.76 -15.03
N LYS A 257 -4.86 -1.88 -15.76
CA LYS A 257 -3.64 -2.67 -15.79
C LYS A 257 -3.41 -3.26 -14.40
N VAL A 258 -4.52 -3.65 -13.76
CA VAL A 258 -4.47 -4.26 -12.45
C VAL A 258 -4.98 -5.67 -12.57
N ASP A 259 -4.13 -6.65 -12.24
CA ASP A 259 -4.57 -8.04 -12.22
C ASP A 259 -5.58 -8.25 -11.11
N PHE A 260 -6.79 -8.65 -11.52
CA PHE A 260 -7.78 -9.13 -10.59
C PHE A 260 -7.41 -10.56 -10.26
N VAL A 261 -7.00 -10.78 -9.00
CA VAL A 261 -6.62 -12.11 -8.54
C VAL A 261 -7.76 -12.66 -7.69
N PHE A 262 -8.34 -13.78 -8.10
CA PHE A 262 -9.37 -14.40 -7.29
C PHE A 262 -8.77 -15.44 -6.36
N ALA A 263 -9.06 -15.30 -5.06
CA ALA A 263 -8.52 -16.20 -4.05
C ALA A 263 -9.59 -17.19 -3.62
N ILE A 264 -9.17 -18.46 -3.48
CA ILE A 264 -10.00 -19.56 -3.03
C ILE A 264 -9.40 -20.14 -1.76
N SER A 265 -10.23 -20.35 -0.72
CA SER A 265 -9.79 -20.95 0.52
C SER A 265 -10.59 -22.21 0.77
N PRO A 266 -10.21 -23.35 0.17
CA PRO A 266 -11.02 -24.57 0.26
C PRO A 266 -10.69 -25.39 1.51
N GLY A 267 -9.69 -24.91 2.26
CA GLY A 267 -9.03 -25.69 3.30
C GLY A 267 -9.95 -26.19 4.41
N LEU A 268 -11.06 -25.49 4.67
CA LEU A 268 -11.92 -25.87 5.78
C LEU A 268 -12.56 -27.26 5.60
N ASP A 269 -12.81 -27.71 4.36
CA ASP A 269 -13.50 -28.98 4.21
C ASP A 269 -13.01 -29.82 3.02
N ILE A 270 -12.10 -29.28 2.21
CA ILE A 270 -11.62 -29.99 1.03
C ILE A 270 -11.16 -31.40 1.41
N LYS A 271 -11.41 -32.34 0.51
CA LYS A 271 -10.97 -33.72 0.66
C LYS A 271 -9.82 -33.98 -0.32
N PHE A 272 -8.87 -34.83 0.10
CA PHE A 272 -7.70 -35.13 -0.69
C PHE A 272 -7.76 -36.59 -1.10
N GLU A 273 -8.38 -37.41 -0.24
CA GLU A 273 -8.32 -38.86 -0.27
C GLU A 273 -9.48 -39.45 -1.07
N GLY A 274 -9.13 -40.28 -2.05
CA GLY A 274 -10.07 -41.22 -2.68
C GLY A 274 -11.06 -40.56 -3.63
N GLU A 275 -12.32 -41.03 -3.57
CA GLU A 275 -13.38 -40.66 -4.48
C GLU A 275 -13.75 -39.19 -4.26
N GLU A 276 -13.87 -38.83 -2.98
CA GLU A 276 -14.21 -37.47 -2.56
C GLU A 276 -13.16 -36.48 -3.04
N GLY A 277 -11.88 -36.89 -2.93
CA GLY A 277 -10.75 -36.11 -3.41
C GLY A 277 -10.92 -35.73 -4.88
N GLU A 278 -11.25 -36.73 -5.71
CA GLU A 278 -11.43 -36.50 -7.12
C GLU A 278 -12.61 -35.57 -7.37
N ALA A 279 -13.68 -35.71 -6.57
CA ALA A 279 -14.86 -34.85 -6.69
C ALA A 279 -14.49 -33.40 -6.34
N ASP A 280 -13.87 -33.23 -5.16
CA ASP A 280 -13.44 -31.92 -4.70
C ASP A 280 -12.51 -31.28 -5.73
N PHE A 281 -11.60 -32.08 -6.31
CA PHE A 281 -10.73 -31.54 -7.34
C PHE A 281 -11.51 -31.08 -8.58
N LYS A 282 -12.56 -31.83 -8.95
CA LYS A 282 -13.36 -31.47 -10.12
C LYS A 282 -14.14 -30.18 -9.81
N ALA A 283 -14.70 -30.12 -8.60
CA ALA A 283 -15.35 -28.91 -8.09
C ALA A 283 -14.42 -27.71 -8.28
N LEU A 284 -13.14 -27.86 -7.89
CA LEU A 284 -12.17 -26.79 -7.94
C LEU A 284 -11.95 -26.35 -9.37
N ILE A 285 -11.77 -27.33 -10.27
CA ILE A 285 -11.55 -27.01 -11.68
C ILE A 285 -12.77 -26.25 -12.19
N ASN A 286 -13.96 -26.75 -11.88
CA ASN A 286 -15.20 -26.13 -12.35
C ASN A 286 -15.26 -24.67 -11.91
N LYS A 287 -15.20 -24.44 -10.59
CA LYS A 287 -15.21 -23.08 -10.05
C LYS A 287 -14.25 -22.19 -10.81
N ALA A 288 -13.03 -22.67 -11.01
CA ALA A 288 -12.04 -21.86 -11.68
C ALA A 288 -12.49 -21.53 -13.10
N GLU A 289 -13.26 -22.43 -13.72
CA GLU A 289 -13.71 -22.28 -15.11
C GLU A 289 -14.73 -21.15 -15.21
N THR A 290 -15.72 -21.19 -14.30
CA THR A 290 -16.64 -20.09 -14.05
C THR A 290 -15.88 -18.77 -14.07
N LEU A 291 -14.94 -18.65 -13.13
CA LEU A 291 -14.25 -17.39 -12.90
C LEU A 291 -13.49 -17.01 -14.15
N TYR A 292 -12.97 -18.02 -14.87
CA TYR A 292 -12.30 -17.73 -16.12
C TYR A 292 -13.28 -17.07 -17.09
N ASP A 293 -14.52 -17.57 -17.08
CA ASP A 293 -15.58 -17.10 -17.97
C ASP A 293 -15.91 -15.64 -17.67
N MET A 294 -15.87 -15.25 -16.38
CA MET A 294 -16.10 -13.88 -15.96
C MET A 294 -14.95 -12.97 -16.41
N GLY A 295 -13.80 -13.57 -16.68
CA GLY A 295 -12.66 -12.78 -17.13
C GLY A 295 -11.49 -12.83 -16.16
N VAL A 296 -11.60 -13.65 -15.12
CA VAL A 296 -10.48 -13.85 -14.19
C VAL A 296 -9.33 -14.59 -14.89
N ARG A 297 -8.16 -13.94 -14.90
CA ARG A 297 -6.92 -14.47 -15.43
C ARG A 297 -5.86 -14.72 -14.34
N SER A 298 -6.14 -14.40 -13.06
CA SER A 298 -5.18 -14.67 -11.98
C SER A 298 -5.89 -15.33 -10.81
N PHE A 299 -5.26 -16.38 -10.25
CA PHE A 299 -5.88 -17.19 -9.21
C PHE A 299 -4.91 -17.40 -8.06
N ALA A 300 -5.48 -17.66 -6.88
CA ALA A 300 -4.68 -17.97 -5.71
C ALA A 300 -5.46 -19.02 -4.94
N ILE A 301 -4.74 -20.00 -4.39
N ILE A 301 -4.73 -20.01 -4.43
CA ILE A 301 -5.38 -20.97 -3.50
CA ILE A 301 -5.34 -20.96 -3.51
C ILE A 301 -4.65 -20.96 -2.16
C ILE A 301 -4.61 -20.81 -2.18
N LEU A 302 -5.38 -20.55 -1.12
CA LEU A 302 -4.84 -20.18 0.19
C LEU A 302 -5.02 -21.35 1.15
N TRP A 303 -3.98 -21.66 1.95
CA TRP A 303 -4.16 -22.58 3.07
C TRP A 303 -3.96 -21.90 4.42
N ASP A 304 -3.93 -20.57 4.45
CA ASP A 304 -3.70 -19.88 5.72
C ASP A 304 -4.88 -20.14 6.65
N ASP A 305 -4.55 -20.38 7.93
CA ASP A 305 -5.56 -20.43 8.97
C ASP A 305 -6.61 -21.52 8.66
N ILE A 306 -6.16 -22.78 8.56
CA ILE A 306 -7.04 -23.94 8.56
C ILE A 306 -6.49 -25.03 9.48
N GLU A 307 -7.13 -26.21 9.38
CA GLU A 307 -6.91 -27.35 10.26
C GLU A 307 -5.86 -28.29 9.68
N ASN A 308 -6.03 -28.68 8.41
CA ASN A 308 -5.19 -29.70 7.81
C ASN A 308 -3.71 -29.30 7.83
N ARG A 309 -2.86 -30.25 8.21
CA ARG A 309 -1.44 -29.98 8.30
C ARG A 309 -0.69 -30.90 7.35
N SER A 310 -1.35 -31.31 6.27
CA SER A 310 -0.67 -32.15 5.30
C SER A 310 -0.09 -31.29 4.19
N GLY A 311 1.22 -31.07 4.27
CA GLY A 311 1.97 -30.30 3.29
C GLY A 311 1.97 -30.98 1.93
N VAL A 312 2.09 -32.32 1.92
CA VAL A 312 2.25 -33.04 0.66
C VAL A 312 0.95 -32.90 -0.14
N GLN A 313 -0.19 -33.19 0.52
CA GLN A 313 -1.50 -33.18 -0.12
C GLN A 313 -1.87 -31.79 -0.60
N GLN A 314 -1.55 -30.75 0.19
CA GLN A 314 -1.87 -29.39 -0.22
C GLN A 314 -1.04 -28.99 -1.43
N ALA A 315 0.26 -29.33 -1.43
CA ALA A 315 1.13 -28.97 -2.52
C ALA A 315 0.69 -29.73 -3.78
N GLU A 316 0.25 -30.98 -3.60
CA GLU A 316 -0.17 -31.78 -4.73
C GLU A 316 -1.42 -31.20 -5.40
N VAL A 317 -2.42 -30.80 -4.59
CA VAL A 317 -3.61 -30.13 -5.10
C VAL A 317 -3.17 -28.93 -5.94
N LEU A 318 -2.20 -28.16 -5.42
CA LEU A 318 -1.70 -26.99 -6.11
C LEU A 318 -0.98 -27.34 -7.42
N ASN A 319 -0.15 -28.39 -7.40
CA ASN A 319 0.62 -28.76 -8.60
C ASN A 319 -0.33 -29.26 -9.70
N ARG A 320 -1.32 -30.06 -9.32
CA ARG A 320 -2.32 -30.54 -10.25
C ARG A 320 -3.11 -29.37 -10.84
N PHE A 321 -3.52 -28.41 -10.00
CA PHE A 321 -4.29 -27.28 -10.47
C PHE A 321 -3.45 -26.47 -11.44
N ASN A 322 -2.16 -26.30 -11.10
CA ASN A 322 -1.22 -25.56 -11.91
C ASN A 322 -1.05 -26.25 -13.27
N LYS A 323 -1.03 -27.59 -13.24
CA LYS A 323 -0.77 -28.42 -14.41
C LYS A 323 -2.02 -28.49 -15.28
N GLU A 324 -3.17 -28.82 -14.67
CA GLU A 324 -4.38 -29.20 -15.39
C GLU A 324 -5.31 -28.00 -15.64
N PHE A 325 -4.99 -26.83 -15.08
CA PHE A 325 -5.77 -25.61 -15.30
C PHE A 325 -4.85 -24.46 -15.75
N ILE A 326 -3.95 -24.02 -14.86
CA ILE A 326 -3.18 -22.81 -15.11
C ILE A 326 -2.52 -22.83 -16.50
N LYS A 327 -1.68 -23.83 -16.75
CA LYS A 327 -0.79 -23.74 -17.91
C LYS A 327 -1.52 -23.90 -19.24
N ASN A 328 -2.70 -24.55 -19.25
CA ASN A 328 -3.46 -24.80 -20.47
C ASN A 328 -4.45 -23.70 -20.81
N LYS A 329 -4.76 -22.81 -19.86
CA LYS A 329 -5.74 -21.76 -20.11
C LYS A 329 -5.01 -20.51 -20.58
N GLU A 330 -5.52 -19.88 -21.65
CA GLU A 330 -4.77 -18.79 -22.27
C GLU A 330 -4.89 -17.54 -21.41
N GLY A 331 -3.78 -16.82 -21.27
CA GLY A 331 -3.72 -15.58 -20.53
C GLY A 331 -3.80 -15.76 -19.00
N VAL A 332 -3.86 -17.00 -18.52
CA VAL A 332 -3.87 -17.21 -17.07
C VAL A 332 -2.43 -17.10 -16.53
N LYS A 333 -2.27 -16.33 -15.45
CA LYS A 333 -0.96 -16.01 -14.88
C LYS A 333 -0.57 -17.07 -13.86
N PRO A 334 0.68 -17.06 -13.33
CA PRO A 334 1.13 -18.06 -12.35
C PRO A 334 0.20 -18.14 -11.14
N LEU A 335 0.00 -19.34 -10.61
CA LEU A 335 -0.81 -19.56 -9.43
C LEU A 335 -0.09 -18.95 -8.22
N ILE A 336 -0.87 -18.53 -7.22
CA ILE A 336 -0.36 -17.92 -6.01
C ILE A 336 -0.88 -18.73 -4.84
N THR A 337 -0.04 -18.95 -3.82
CA THR A 337 -0.52 -19.68 -2.66
C THR A 337 0.01 -19.03 -1.37
N VAL A 338 -0.55 -19.47 -0.24
CA VAL A 338 -0.01 -19.16 1.07
C VAL A 338 -0.09 -20.42 1.92
N PRO A 339 1.02 -20.80 2.58
CA PRO A 339 1.09 -22.04 3.35
C PRO A 339 0.36 -21.92 4.69
N VAL A 340 0.19 -23.08 5.36
CA VAL A 340 -0.28 -23.12 6.73
C VAL A 340 0.75 -22.42 7.63
N GLU A 341 2.04 -22.73 7.44
CA GLU A 341 3.12 -22.11 8.20
C GLU A 341 3.57 -20.85 7.46
N TYR A 342 2.86 -19.73 7.64
CA TYR A 342 3.04 -18.63 6.72
C TYR A 342 3.94 -17.56 7.30
N TRP A 343 4.36 -17.70 8.56
CA TRP A 343 5.37 -16.79 9.10
C TRP A 343 6.68 -17.54 9.34
N GLY A 344 7.79 -16.81 9.22
CA GLY A 344 9.11 -17.43 9.27
C GLY A 344 9.32 -18.34 10.47
N SER A 345 8.97 -17.87 11.68
N SER A 345 8.99 -17.84 11.67
CA SER A 345 9.24 -18.66 12.86
CA SER A 345 9.21 -18.61 12.88
C SER A 345 8.34 -19.90 12.97
C SER A 345 8.37 -19.90 12.91
N SER A 346 7.19 -19.89 12.29
CA SER A 346 6.35 -21.09 12.22
C SER A 346 7.02 -22.19 11.37
N MET A 347 8.03 -21.82 10.56
CA MET A 347 8.58 -22.71 9.55
C MET A 347 9.77 -23.49 10.11
N PHE A 348 10.32 -23.02 11.24
CA PHE A 348 11.58 -23.53 11.77
C PHE A 348 11.43 -23.93 13.23
N ASN A 349 11.99 -25.09 13.54
CA ASN A 349 12.22 -25.51 14.92
C ASN A 349 13.71 -25.41 15.17
N GLY A 350 14.14 -24.29 15.79
CA GLY A 350 15.55 -24.01 15.94
C GLY A 350 16.18 -23.80 14.56
N GLU A 351 17.14 -24.64 14.19
CA GLU A 351 17.81 -24.51 12.90
C GLU A 351 17.15 -25.40 11.85
N GLU A 352 16.39 -26.41 12.30
CA GLU A 352 15.76 -27.38 11.43
C GLU A 352 14.43 -26.84 10.86
N VAL A 353 14.13 -27.23 9.62
CA VAL A 353 12.88 -26.89 8.95
C VAL A 353 11.78 -27.80 9.48
N LYS A 354 10.60 -27.24 9.77
CA LYS A 354 9.53 -28.06 10.32
C LYS A 354 8.93 -28.98 9.25
N THR A 355 8.28 -30.06 9.68
CA THR A 355 7.77 -31.08 8.77
C THR A 355 6.84 -30.47 7.72
N TYR A 356 5.83 -29.71 8.15
CA TYR A 356 4.87 -29.20 7.16
C TYR A 356 5.60 -28.43 6.05
N THR A 357 6.51 -27.54 6.45
CA THR A 357 7.18 -26.66 5.49
C THR A 357 8.08 -27.49 4.58
N LYS A 358 8.73 -28.50 5.19
CA LYS A 358 9.65 -29.36 4.48
C LYS A 358 8.88 -30.04 3.34
N GLU A 359 7.77 -30.68 3.67
CA GLU A 359 6.95 -31.42 2.73
C GLU A 359 6.28 -30.48 1.74
N PHE A 360 5.72 -29.36 2.22
CA PHE A 360 5.07 -28.41 1.34
C PHE A 360 6.06 -27.86 0.32
N ALA A 361 7.22 -27.37 0.81
CA ALA A 361 8.18 -26.72 -0.07
C ALA A 361 8.82 -27.69 -1.05
N GLU A 362 9.14 -28.90 -0.58
CA GLU A 362 9.82 -29.90 -1.40
C GLU A 362 8.89 -30.37 -2.53
N THR A 363 7.59 -30.52 -2.23
CA THR A 363 6.63 -30.99 -3.22
C THR A 363 6.24 -29.92 -4.24
N LEU A 364 6.21 -28.64 -3.86
CA LEU A 364 5.50 -27.63 -4.63
C LEU A 364 6.31 -27.18 -5.83
N ASP A 365 5.68 -27.13 -7.03
CA ASP A 365 6.31 -26.64 -8.25
C ASP A 365 6.86 -25.23 -8.09
N LYS A 366 8.06 -25.02 -8.64
CA LYS A 366 8.84 -23.81 -8.44
C LYS A 366 8.23 -22.57 -9.10
N ASP A 367 7.32 -22.75 -10.06
CA ASP A 367 6.76 -21.59 -10.74
C ASP A 367 5.46 -21.14 -10.04
N ILE A 368 5.10 -21.81 -8.93
CA ILE A 368 3.98 -21.36 -8.11
C ILE A 368 4.51 -20.35 -7.09
N GLU A 369 3.82 -19.20 -6.98
CA GLU A 369 4.22 -18.10 -6.11
C GLU A 369 3.75 -18.40 -4.70
N VAL A 370 4.59 -18.07 -3.70
CA VAL A 370 4.31 -18.35 -2.29
C VAL A 370 4.47 -17.07 -1.48
N MET A 371 3.42 -16.75 -0.71
CA MET A 371 3.34 -15.57 0.14
C MET A 371 3.72 -15.95 1.57
N TRP A 372 4.44 -15.05 2.23
CA TRP A 372 4.67 -15.22 3.65
C TRP A 372 4.67 -13.84 4.29
N THR A 373 4.57 -13.79 5.63
CA THR A 373 4.34 -12.50 6.27
C THR A 373 5.62 -11.90 6.86
N GLY A 374 6.75 -12.62 6.77
CA GLY A 374 7.97 -12.24 7.47
C GLY A 374 8.17 -13.14 8.68
N ASN A 375 9.02 -12.72 9.63
CA ASN A 375 9.35 -13.62 10.74
C ASN A 375 8.12 -13.92 11.58
N ASP A 376 7.21 -12.94 11.70
CA ASP A 376 6.00 -13.08 12.50
C ASP A 376 4.77 -12.85 11.63
N VAL A 377 3.59 -13.11 12.22
CA VAL A 377 2.34 -12.71 11.61
C VAL A 377 2.32 -11.20 11.37
N ILE A 378 2.69 -10.42 12.38
CA ILE A 378 2.86 -8.98 12.22
C ILE A 378 4.28 -8.62 12.68
N PRO A 379 5.30 -8.55 11.80
CA PRO A 379 6.69 -8.34 12.23
C PRO A 379 6.91 -6.94 12.79
N PRO A 380 7.29 -6.83 14.10
CA PRO A 380 7.34 -5.54 14.79
C PRO A 380 8.41 -4.62 14.24
N ASN A 381 9.45 -5.20 13.63
N ASN A 381 9.42 -5.22 13.62
CA ASN A 381 10.57 -4.41 13.16
CA ASN A 381 10.58 -4.47 13.17
C ASN A 381 10.83 -4.63 11.67
C ASN A 381 10.84 -4.70 11.68
N GLY A 382 9.76 -4.77 10.88
CA GLY A 382 9.86 -4.95 9.44
C GLY A 382 10.50 -6.30 9.06
N VAL A 383 11.19 -6.33 7.91
CA VAL A 383 11.66 -7.55 7.29
C VAL A 383 13.02 -7.23 6.67
N SER A 384 14.04 -7.97 7.12
CA SER A 384 15.40 -7.74 6.64
C SER A 384 15.70 -8.67 5.47
N LEU A 385 16.74 -8.34 4.70
CA LEU A 385 17.18 -9.23 3.62
C LEU A 385 17.46 -10.62 4.16
N GLU A 386 18.09 -10.71 5.34
CA GLU A 386 18.45 -12.02 5.88
C GLU A 386 17.20 -12.81 6.27
N ASP A 387 16.17 -12.17 6.88
CA ASP A 387 14.89 -12.85 7.11
C ASP A 387 14.35 -13.49 5.83
N ALA A 388 14.38 -12.77 4.71
CA ALA A 388 13.79 -13.22 3.46
C ALA A 388 14.65 -14.33 2.85
N LYS A 389 15.98 -14.15 2.95
CA LYS A 389 16.94 -15.14 2.46
C LYS A 389 16.68 -16.49 3.12
N LYS A 390 16.45 -16.50 4.43
CA LYS A 390 16.27 -17.74 5.15
C LYS A 390 15.05 -18.49 4.60
N VAL A 391 14.05 -17.73 4.15
CA VAL A 391 12.81 -18.36 3.73
C VAL A 391 12.93 -18.72 2.24
N SER A 392 13.55 -17.85 1.44
CA SER A 392 13.71 -18.11 0.00
C SER A 392 14.63 -19.31 -0.21
N ASN A 393 15.58 -19.52 0.70
CA ASN A 393 16.46 -20.69 0.65
C ASN A 393 15.69 -21.98 0.88
N VAL A 394 14.68 -21.93 1.74
CA VAL A 394 13.93 -23.14 2.02
C VAL A 394 13.02 -23.46 0.83
N TYR A 395 12.47 -22.42 0.18
CA TYR A 395 11.44 -22.58 -0.85
C TYR A 395 12.06 -22.63 -2.24
N ASN A 396 13.36 -22.30 -2.34
CA ASN A 396 14.07 -22.45 -3.60
C ASN A 396 13.48 -21.54 -4.66
N ARG A 397 13.02 -20.34 -4.23
CA ARG A 397 12.38 -19.38 -5.12
C ARG A 397 12.27 -18.04 -4.38
N LYS A 398 12.15 -16.97 -5.17
CA LYS A 398 11.80 -15.66 -4.65
C LYS A 398 10.40 -15.69 -4.03
N MET A 399 10.31 -15.17 -2.81
CA MET A 399 9.05 -15.23 -2.07
C MET A 399 8.22 -14.00 -2.42
N MET A 400 6.94 -14.00 -2.01
CA MET A 400 6.12 -12.79 -2.06
C MET A 400 5.78 -12.34 -0.63
N LEU A 401 5.97 -11.05 -0.32
CA LEU A 401 5.75 -10.61 1.04
C LEU A 401 4.32 -10.09 1.22
N TRP A 402 3.54 -10.79 2.05
CA TRP A 402 2.24 -10.32 2.48
C TRP A 402 2.46 -9.41 3.68
N TRP A 403 2.31 -8.10 3.47
CA TRP A 403 2.72 -7.16 4.49
C TRP A 403 1.51 -6.67 5.28
N ASN A 404 1.48 -7.02 6.56
CA ASN A 404 0.33 -6.77 7.43
C ASN A 404 0.38 -5.35 8.02
N TYR A 405 0.29 -4.36 7.14
CA TYR A 405 0.15 -2.96 7.52
C TYR A 405 -0.28 -2.23 6.26
N PRO A 406 -1.25 -1.27 6.27
CA PRO A 406 -1.85 -0.75 7.50
C PRO A 406 -2.94 -1.50 8.25
N VAL A 407 -3.21 -2.77 7.86
CA VAL A 407 -4.30 -3.51 8.47
C VAL A 407 -4.30 -3.30 9.98
N ASN A 408 -5.50 -2.99 10.53
CA ASN A 408 -5.59 -2.77 11.96
C ASN A 408 -6.68 -3.64 12.58
N ASP A 409 -7.03 -4.77 11.92
CA ASP A 409 -8.16 -5.56 12.40
C ASP A 409 -7.92 -6.11 13.80
N TYR A 410 -6.67 -6.23 14.22
CA TYR A 410 -6.36 -6.75 15.53
C TYR A 410 -6.29 -5.61 16.57
N LYS A 411 -6.44 -4.35 16.13
CA LYS A 411 -6.40 -3.19 17.01
C LYS A 411 -7.22 -2.06 16.39
N GLU A 412 -8.53 -2.30 16.29
CA GLU A 412 -9.33 -1.61 15.29
C GLU A 412 -9.62 -0.17 15.68
N ASP A 413 -9.35 0.22 16.94
CA ASP A 413 -9.62 1.58 17.40
C ASP A 413 -8.46 2.51 17.09
N LYS A 414 -7.34 1.96 16.63
CA LYS A 414 -6.24 2.82 16.18
C LYS A 414 -6.09 2.75 14.67
N MET A 415 -6.06 3.91 13.99
CA MET A 415 -5.80 3.97 12.56
C MET A 415 -4.29 3.94 12.30
N ALA A 416 -3.86 3.14 11.30
CA ALA A 416 -2.47 3.16 10.86
C ALA A 416 -2.38 4.13 9.68
N LEU A 417 -1.69 5.25 9.88
CA LEU A 417 -1.62 6.30 8.89
C LEU A 417 -0.17 6.58 8.53
N GLY A 418 0.73 5.64 8.82
CA GLY A 418 2.15 5.86 8.53
C GLY A 418 2.67 5.23 7.23
N PRO A 419 3.95 5.47 6.88
CA PRO A 419 4.56 4.85 5.70
C PRO A 419 4.94 3.40 5.99
N ILE A 420 4.95 2.58 4.93
CA ILE A 420 5.62 1.29 4.94
C ILE A 420 7.02 1.50 5.53
N TYR A 421 7.38 0.72 6.54
CA TYR A 421 8.53 1.11 7.34
C TYR A 421 9.36 -0.12 7.67
N ASP A 422 10.70 0.02 7.63
CA ASP A 422 11.64 -1.01 8.08
C ASP A 422 11.60 -2.21 7.14
N LEU A 423 11.23 -2.02 5.87
CA LEU A 423 11.40 -3.10 4.92
C LEU A 423 12.73 -2.92 4.18
N ASP A 424 13.52 -3.99 4.11
CA ASP A 424 14.87 -3.88 3.58
C ASP A 424 14.84 -3.26 2.18
N ARG A 425 15.71 -2.27 1.98
CA ARG A 425 15.92 -1.59 0.70
C ARG A 425 16.25 -2.59 -0.42
N ASN A 426 16.86 -3.73 -0.08
CA ASN A 426 17.28 -4.70 -1.09
C ASN A 426 16.54 -6.02 -0.94
N LEU A 427 15.31 -5.97 -0.41
CA LEU A 427 14.42 -7.11 -0.29
C LEU A 427 14.19 -7.77 -1.65
N ASP A 428 14.22 -6.95 -2.71
CA ASP A 428 13.95 -7.39 -4.07
C ASP A 428 14.93 -8.49 -4.52
N GLU A 429 16.07 -8.63 -3.83
CA GLU A 429 17.01 -9.70 -4.14
C GLU A 429 16.41 -11.07 -3.86
N GLU A 430 15.50 -11.15 -2.88
CA GLU A 430 14.96 -12.45 -2.44
C GLU A 430 13.44 -12.51 -2.59
N VAL A 431 12.83 -11.40 -2.99
CA VAL A 431 11.39 -11.25 -2.91
C VAL A 431 10.90 -10.63 -4.22
N SER A 432 9.91 -11.26 -4.85
CA SER A 432 9.43 -10.85 -6.18
C SER A 432 8.08 -10.16 -6.10
N GLY A 433 7.40 -10.28 -4.95
CA GLY A 433 6.09 -9.66 -4.79
C GLY A 433 5.96 -8.92 -3.45
N PHE A 434 5.32 -7.75 -3.53
CA PHE A 434 4.98 -6.99 -2.34
C PHE A 434 3.46 -6.76 -2.27
N ILE A 435 2.84 -7.22 -1.20
CA ILE A 435 1.39 -7.22 -1.05
C ILE A 435 1.00 -6.51 0.25
N VAL A 436 0.22 -5.45 0.12
CA VAL A 436 -0.26 -4.67 1.26
C VAL A 436 -1.62 -5.18 1.71
N ASN A 437 -1.72 -5.49 3.00
CA ASN A 437 -2.99 -5.80 3.64
C ASN A 437 -3.49 -4.54 4.34
N PRO A 438 -4.57 -3.90 3.85
CA PRO A 438 -5.00 -2.59 4.35
C PRO A 438 -6.02 -2.78 5.47
N MET A 439 -6.53 -1.64 5.97
CA MET A 439 -7.58 -1.60 6.99
C MET A 439 -8.94 -1.80 6.31
N ARG A 440 -9.93 -2.21 7.10
CA ARG A 440 -11.29 -2.27 6.59
C ARG A 440 -11.76 -0.87 6.18
N PHE A 441 -11.07 0.18 6.67
CA PHE A 441 -11.37 1.57 6.38
C PHE A 441 -10.62 2.01 5.13
N SER A 442 -11.36 2.10 4.03
CA SER A 442 -10.76 2.22 2.70
C SER A 442 -10.01 3.53 2.55
N ASP A 443 -10.70 4.66 2.74
CA ASP A 443 -10.03 5.92 2.50
C ASP A 443 -8.86 6.10 3.48
N ALA A 444 -9.02 5.62 4.71
CA ALA A 444 -8.01 5.86 5.73
C ALA A 444 -6.76 5.02 5.46
N SER A 445 -6.90 3.97 4.62
CA SER A 445 -5.82 3.07 4.24
C SER A 445 -4.96 3.70 3.15
N LYS A 446 -5.43 4.75 2.51
CA LYS A 446 -4.74 5.17 1.29
C LYS A 446 -3.31 5.67 1.52
N ILE A 447 -3.06 6.49 2.55
CA ILE A 447 -1.74 7.02 2.77
C ILE A 447 -0.69 5.92 2.85
N SER A 448 -0.93 4.91 3.71
CA SER A 448 0.03 3.83 3.87
C SER A 448 0.18 3.07 2.56
N THR A 449 -0.96 2.70 1.93
CA THR A 449 -0.98 1.96 0.69
C THR A 449 -0.14 2.65 -0.40
N LEU A 450 -0.20 3.98 -0.49
CA LEU A 450 0.53 4.68 -1.51
C LEU A 450 2.03 4.62 -1.24
N THR A 451 2.44 4.65 0.04
CA THR A 451 3.85 4.52 0.35
C THR A 451 4.28 3.12 -0.06
N GLY A 452 3.35 2.16 0.08
CA GLY A 452 3.54 0.80 -0.38
C GLY A 452 3.74 0.72 -1.90
N ALA A 453 3.00 1.54 -2.64
CA ALA A 453 3.14 1.62 -4.10
C ALA A 453 4.55 2.12 -4.46
N ASP A 454 5.04 3.08 -3.68
CA ASP A 454 6.32 3.72 -3.91
C ASP A 454 7.46 2.74 -3.63
N TYR A 455 7.33 2.00 -2.53
CA TYR A 455 8.32 1.03 -2.10
C TYR A 455 8.36 -0.13 -3.10
N GLY A 456 7.17 -0.62 -3.49
CA GLY A 456 7.02 -1.71 -4.41
C GLY A 456 7.63 -1.37 -5.77
N TRP A 457 7.46 -0.11 -6.18
CA TRP A 457 7.93 0.30 -7.50
C TRP A 457 9.43 0.57 -7.46
N ASN A 458 9.92 1.16 -6.38
CA ASN A 458 11.29 1.67 -6.32
C ASN A 458 11.79 1.51 -4.90
N SER A 459 12.15 0.26 -4.56
CA SER A 459 12.56 -0.10 -3.20
C SER A 459 13.93 0.45 -2.89
N VAL A 460 14.77 0.51 -3.92
CA VAL A 460 16.13 0.99 -3.77
C VAL A 460 16.15 2.45 -3.31
N SER A 461 15.33 3.31 -3.91
CA SER A 461 15.43 4.71 -3.52
C SER A 461 14.37 5.11 -2.48
N TYR A 462 13.52 4.16 -2.05
CA TYR A 462 12.43 4.46 -1.12
C TYR A 462 12.98 5.01 0.19
N GLU A 463 12.54 6.22 0.56
CA GLU A 463 12.75 6.74 1.91
C GLU A 463 11.39 6.99 2.54
N ALA A 464 11.16 6.36 3.70
CA ALA A 464 9.83 6.26 4.31
C ALA A 464 9.24 7.65 4.53
N GLU A 465 10.02 8.55 5.14
CA GLU A 465 9.49 9.83 5.60
C GLU A 465 9.17 10.73 4.42
N LYS A 466 10.07 10.74 3.42
CA LYS A 466 9.86 11.57 2.24
C LYS A 466 8.69 11.00 1.43
N SER A 467 8.59 9.67 1.38
CA SER A 467 7.50 9.00 0.70
C SER A 467 6.16 9.35 1.38
N TRP A 468 6.14 9.29 2.71
CA TRP A 468 4.97 9.61 3.52
C TRP A 468 4.48 11.03 3.22
N ASP A 469 5.42 11.98 3.17
CA ASP A 469 5.06 13.35 2.82
C ASP A 469 4.29 13.43 1.51
N LYS A 470 4.75 12.70 0.48
CA LYS A 470 4.11 12.77 -0.83
C LYS A 470 2.74 12.11 -0.79
N ALA A 471 2.62 10.99 -0.07
CA ALA A 471 1.33 10.32 -0.02
C ALA A 471 0.30 11.19 0.72
N ILE A 472 0.72 11.84 1.79
CA ILE A 472 -0.17 12.74 2.53
C ILE A 472 -0.61 13.88 1.64
N GLU A 473 0.31 14.41 0.83
CA GLU A 473 -0.03 15.50 -0.09
C GLU A 473 -1.07 15.02 -1.09
N ILE A 474 -0.90 13.78 -1.60
CA ILE A 474 -1.83 13.24 -2.58
C ILE A 474 -3.21 13.13 -1.95
N ILE A 475 -3.29 12.73 -0.67
CA ILE A 475 -4.55 12.35 -0.06
C ILE A 475 -5.21 13.56 0.61
N ALA A 476 -4.42 14.48 1.18
CA ALA A 476 -4.96 15.56 2.00
C ALA A 476 -4.90 16.92 1.30
N GLY A 477 -4.14 17.01 0.19
CA GLY A 477 -4.12 18.21 -0.63
C GLY A 477 -3.58 19.41 0.12
N GLU A 478 -4.36 20.49 0.12
CA GLU A 478 -4.00 21.74 0.78
C GLU A 478 -3.92 21.54 2.30
N MET A 479 -4.51 20.48 2.84
CA MET A 479 -4.47 20.25 4.28
C MET A 479 -3.32 19.33 4.71
N LYS A 480 -2.28 19.20 3.88
CA LYS A 480 -1.25 18.18 4.11
C LYS A 480 -0.49 18.44 5.41
N GLU A 481 -0.23 19.71 5.74
CA GLU A 481 0.53 20.00 6.94
C GLU A 481 -0.28 19.69 8.21
N GLU A 482 -1.57 20.05 8.21
CA GLU A 482 -2.45 19.76 9.34
C GLU A 482 -2.57 18.24 9.48
N PHE A 483 -2.72 17.54 8.35
CA PHE A 483 -2.89 16.10 8.38
C PHE A 483 -1.67 15.38 8.97
N LYS A 484 -0.46 15.78 8.56
CA LYS A 484 0.75 15.13 9.04
C LYS A 484 0.89 15.30 10.54
N ILE A 485 0.58 16.51 11.05
N ILE A 485 0.58 16.51 11.05
CA ILE A 485 0.51 16.78 12.47
CA ILE A 485 0.57 16.75 12.49
C ILE A 485 -0.28 15.68 13.17
C ILE A 485 -0.30 15.71 13.20
N PHE A 486 -1.45 15.38 12.62
CA PHE A 486 -2.35 14.36 13.17
C PHE A 486 -1.75 12.96 12.97
N ALA A 487 -1.37 12.66 11.72
CA ALA A 487 -0.92 11.31 11.36
C ALA A 487 0.36 10.93 12.13
N ASN A 488 1.17 11.93 12.46
CA ASN A 488 2.38 11.72 13.25
C ASN A 488 2.11 10.95 14.53
N HIS A 489 0.90 11.08 15.09
CA HIS A 489 0.60 10.44 16.36
C HIS A 489 -0.13 9.11 16.16
N SER A 490 -0.14 8.59 14.93
CA SER A 490 -0.98 7.44 14.63
C SER A 490 -0.32 6.51 13.61
N THR A 491 0.96 6.16 13.83
CA THR A 491 1.69 5.42 12.81
C THR A 491 1.96 4.00 13.30
N ARG A 492 2.11 3.84 14.61
CA ARG A 492 2.59 2.59 15.16
C ARG A 492 1.42 1.76 15.68
N LEU A 493 1.28 0.53 15.16
CA LEU A 493 0.38 -0.47 15.70
C LEU A 493 1.23 -1.59 16.30
N ASP A 494 1.10 -2.83 15.81
CA ASP A 494 2.08 -3.83 16.21
C ASP A 494 3.33 -3.73 15.34
N THR A 495 3.27 -2.94 14.27
CA THR A 495 4.42 -2.66 13.45
C THR A 495 4.22 -1.23 12.98
N GLY A 496 5.21 -0.66 12.29
CA GLY A 496 5.06 0.68 11.73
C GLY A 496 6.10 1.64 12.29
N ARG A 497 6.23 2.79 11.64
CA ARG A 497 7.04 3.87 12.19
C ARG A 497 6.56 4.19 13.61
N PRO A 498 7.49 4.38 14.59
CA PRO A 498 7.10 4.82 15.94
C PRO A 498 6.39 6.17 15.92
N ASP A 499 5.39 6.33 16.79
CA ASP A 499 4.60 7.56 16.83
C ASP A 499 5.48 8.70 17.34
N SER A 500 5.28 9.90 16.77
CA SER A 500 5.81 11.16 17.26
C SER A 500 7.17 10.98 17.95
N PRO A 501 8.23 10.56 17.22
CA PRO A 501 9.53 10.23 17.85
C PRO A 501 10.32 11.37 18.52
N GLU A 502 10.18 12.58 17.99
CA GLU A 502 10.86 13.76 18.50
C GLU A 502 10.20 14.20 19.81
N ILE A 503 8.86 14.20 19.84
CA ILE A 503 8.08 14.45 21.04
C ILE A 503 8.50 13.45 22.12
N LYS A 504 8.66 12.18 21.73
CA LYS A 504 9.03 11.16 22.69
C LYS A 504 10.42 11.43 23.26
N ASN A 505 11.36 11.81 22.40
CA ASN A 505 12.70 12.12 22.90
C ASN A 505 12.64 13.31 23.83
N THR A 506 11.85 14.32 23.46
CA THR A 506 11.68 15.51 24.28
C THR A 506 11.20 15.14 25.67
N ILE A 507 10.20 14.24 25.75
CA ILE A 507 9.63 13.82 27.02
C ILE A 507 10.68 13.03 27.82
N ASP A 508 11.32 12.04 27.20
CA ASP A 508 12.24 11.16 27.90
C ASP A 508 13.36 12.00 28.52
N SER A 509 13.79 13.02 27.77
CA SER A 509 14.83 13.95 28.16
C SER A 509 14.32 14.87 29.29
N LEU A 510 13.06 15.29 29.18
CA LEU A 510 12.44 16.13 30.19
C LEU A 510 12.47 15.42 31.54
N TRP A 511 12.09 14.13 31.56
CA TRP A 511 11.93 13.44 32.83
C TRP A 511 13.26 13.29 33.56
N GLU A 512 14.35 13.14 32.80
CA GLU A 512 15.68 13.01 33.39
C GLU A 512 16.07 14.33 34.06
N LYS A 513 15.83 15.45 33.37
CA LYS A 513 16.12 16.78 33.89
C LYS A 513 15.25 17.09 35.10
N TRP A 514 13.98 16.66 35.04
CA TRP A 514 13.02 16.91 36.09
C TRP A 514 13.50 16.24 37.36
N GLU A 515 13.90 14.96 37.27
CA GLU A 515 14.34 14.22 38.43
C GLU A 515 15.60 14.83 39.05
N ALA A 516 16.34 15.63 38.26
CA ALA A 516 17.59 16.24 38.68
C ALA A 516 17.40 17.71 39.07
N GLY A 517 16.16 18.22 38.99
CA GLY A 517 15.86 19.61 39.32
C GLY A 517 16.52 20.61 38.38
N SER A 518 16.78 20.20 37.13
CA SER A 518 17.35 21.10 36.14
C SER A 518 16.22 21.84 35.40
N ASP A 519 16.54 22.98 34.76
CA ASP A 519 15.57 23.81 34.08
C ASP A 519 15.06 23.09 32.82
N ILE A 520 13.75 23.13 32.59
CA ILE A 520 13.16 22.32 31.54
C ILE A 520 12.34 23.19 30.60
N SER A 521 12.68 24.49 30.56
CA SER A 521 11.96 25.53 29.85
C SER A 521 11.89 25.24 28.35
N LEU A 522 13.02 24.85 27.77
CA LEU A 522 13.09 24.59 26.34
C LEU A 522 12.17 23.42 25.95
N GLU A 523 12.16 22.37 26.77
CA GLU A 523 11.33 21.20 26.55
C GLU A 523 9.86 21.54 26.74
N LEU A 524 9.54 22.26 27.82
CA LEU A 524 8.16 22.68 28.05
C LEU A 524 7.66 23.54 26.89
N SER A 525 8.53 24.45 26.44
CA SER A 525 8.25 25.28 25.29
C SER A 525 8.00 24.44 24.05
N ASN A 526 8.85 23.41 23.82
CA ASN A 526 8.74 22.54 22.66
C ASN A 526 7.43 21.77 22.73
N LEU A 527 7.13 21.20 23.90
CA LEU A 527 5.91 20.44 24.10
C LEU A 527 4.69 21.33 23.91
N GLN A 528 4.74 22.57 24.42
CA GLN A 528 3.60 23.47 24.33
C GLN A 528 3.24 23.80 22.88
N ASN A 529 4.26 23.98 22.03
N ASN A 529 4.27 23.94 22.03
CA ASN A 529 4.05 24.21 20.61
CA ASN A 529 4.11 24.19 20.61
C ASN A 529 3.32 23.01 20.00
C ASN A 529 3.41 23.02 19.94
N GLU A 530 3.81 21.79 20.29
CA GLU A 530 3.18 20.58 19.76
C GLU A 530 1.69 20.52 20.17
N PHE A 531 1.42 20.72 21.46
CA PHE A 531 0.09 20.57 22.03
C PHE A 531 -0.85 21.62 21.48
N SER A 532 -0.32 22.82 21.17
CA SER A 532 -1.16 23.86 20.61
C SER A 532 -1.56 23.49 19.17
N LYS A 533 -0.67 22.82 18.44
CA LYS A 533 -1.02 22.44 17.08
C LYS A 533 -2.09 21.35 17.13
N MET A 534 -1.95 20.44 18.11
CA MET A 534 -2.90 19.36 18.30
C MET A 534 -4.29 19.91 18.59
N VAL A 535 -4.34 21.01 19.37
CA VAL A 535 -5.61 21.65 19.66
C VAL A 535 -6.26 22.16 18.37
N GLN A 536 -5.46 22.72 17.46
CA GLN A 536 -5.99 23.48 16.34
C GLN A 536 -6.33 22.64 15.11
N VAL A 537 -5.59 21.54 14.87
CA VAL A 537 -5.73 20.93 13.56
C VAL A 537 -7.08 20.23 13.35
N PRO A 538 -7.76 19.63 14.38
CA PRO A 538 -9.05 18.96 14.16
C PRO A 538 -10.13 19.81 13.49
N ASN A 539 -10.37 21.01 14.02
CA ASN A 539 -11.33 21.93 13.44
C ASN A 539 -10.94 22.27 12.01
N LYS A 540 -9.63 22.49 11.78
CA LYS A 540 -9.23 22.90 10.44
C LYS A 540 -9.44 21.74 9.46
N LEU A 541 -9.13 20.51 9.90
CA LEU A 541 -9.38 19.35 9.06
C LEU A 541 -10.88 19.12 8.88
N ARG A 542 -11.67 19.31 9.94
CA ARG A 542 -13.10 19.04 9.81
C ARG A 542 -13.71 20.03 8.84
N SER A 543 -13.13 21.23 8.80
CA SER A 543 -13.62 22.27 7.92
C SER A 543 -13.17 22.09 6.48
N ASN A 544 -11.93 21.66 6.23
CA ASN A 544 -11.32 21.83 4.91
C ASN A 544 -10.89 20.53 4.24
N LEU A 545 -10.89 19.40 4.95
CA LEU A 545 -10.44 18.19 4.28
C LEU A 545 -11.43 17.79 3.19
N GLU A 546 -10.97 17.69 1.93
CA GLU A 546 -11.86 17.49 0.80
C GLU A 546 -12.43 16.06 0.78
N ASN A 547 -11.63 15.09 1.22
CA ASN A 547 -12.07 13.71 1.24
C ASN A 547 -12.96 13.49 2.46
N LYS A 548 -14.28 13.44 2.25
CA LYS A 548 -15.23 13.37 3.36
C LYS A 548 -15.39 11.95 3.90
N ALA A 549 -15.22 10.91 3.07
CA ALA A 549 -15.21 9.57 3.65
C ALA A 549 -14.06 9.45 4.63
N LEU A 550 -12.90 10.02 4.26
CA LEU A 550 -11.74 9.99 5.13
C LEU A 550 -12.04 10.76 6.42
N LEU A 551 -12.61 11.95 6.30
CA LEU A 551 -12.92 12.77 7.46
C LEU A 551 -13.85 12.01 8.41
N ASN A 552 -14.89 11.38 7.87
CA ASN A 552 -15.83 10.61 8.67
C ASN A 552 -15.16 9.44 9.37
N GLN A 553 -14.22 8.75 8.69
CA GLN A 553 -13.59 7.59 9.29
C GLN A 553 -12.76 8.00 10.51
N LEU A 554 -12.24 9.24 10.48
CA LEU A 554 -11.27 9.74 11.45
C LEU A 554 -11.91 10.64 12.50
N ASP A 555 -13.21 10.92 12.39
CA ASP A 555 -13.77 12.01 13.18
C ASP A 555 -13.60 11.83 14.68
N SER A 556 -13.88 10.63 15.22
CA SER A 556 -13.68 10.37 16.64
C SER A 556 -12.22 10.55 17.06
N HIS A 557 -11.30 10.12 16.18
CA HIS A 557 -9.86 10.26 16.43
C HIS A 557 -9.48 11.73 16.54
N LEU A 558 -10.01 12.56 15.63
CA LEU A 558 -9.70 13.97 15.59
C LEU A 558 -10.20 14.67 16.87
N SER A 559 -11.40 14.30 17.33
CA SER A 559 -11.99 14.88 18.53
C SER A 559 -11.14 14.54 19.74
N LYS A 560 -10.73 13.27 19.84
CA LYS A 560 -9.88 12.84 20.92
C LYS A 560 -8.54 13.58 20.87
N PHE A 561 -8.05 13.83 19.65
CA PHE A 561 -6.76 14.46 19.45
C PHE A 561 -6.76 15.88 20.01
N GLU A 562 -7.88 16.59 19.82
CA GLU A 562 -8.05 17.93 20.34
C GLU A 562 -7.97 17.95 21.86
N ILE A 563 -8.59 16.96 22.52
CA ILE A 563 -8.59 16.82 23.97
C ILE A 563 -7.18 16.49 24.48
N TYR A 564 -6.44 15.59 23.79
CA TYR A 564 -5.05 15.35 24.12
C TYR A 564 -4.26 16.67 24.10
N GLY A 565 -4.47 17.50 23.08
CA GLY A 565 -3.81 18.79 23.01
C GLY A 565 -4.01 19.60 24.30
N ASN A 566 -5.27 19.72 24.70
CA ASN A 566 -5.68 20.45 25.89
C ASN A 566 -5.12 19.80 27.15
N ALA A 567 -5.14 18.46 27.19
CA ALA A 567 -4.62 17.77 28.36
C ALA A 567 -3.12 18.01 28.46
N GLY A 568 -2.44 18.06 27.31
CA GLY A 568 -1.00 18.29 27.29
C GLY A 568 -0.67 19.70 27.77
N LEU A 569 -1.41 20.70 27.28
CA LEU A 569 -1.25 22.08 27.74
C LEU A 569 -1.46 22.18 29.25
N LYS A 570 -2.45 21.45 29.79
CA LYS A 570 -2.72 21.47 31.23
C LYS A 570 -1.58 20.79 32.00
N SER A 571 -1.03 19.70 31.46
CA SER A 571 0.07 19.00 32.11
C SER A 571 1.29 19.92 32.25
N ILE A 572 1.51 20.76 31.22
N ILE A 572 1.57 20.73 31.22
CA ILE A 572 2.60 21.72 31.15
CA ILE A 572 2.68 21.66 31.30
C ILE A 572 2.43 22.75 32.26
C ILE A 572 2.41 22.64 32.45
N GLU A 573 1.18 23.15 32.51
CA GLU A 573 0.83 24.11 33.55
C GLU A 573 1.07 23.50 34.93
N ILE A 574 0.69 22.23 35.11
CA ILE A 574 0.85 21.51 36.38
C ILE A 574 2.33 21.46 36.74
N LEU A 575 3.17 21.09 35.75
CA LEU A 575 4.62 21.07 35.95
C LEU A 575 5.12 22.46 36.35
N GLN A 576 4.64 23.50 35.68
CA GLN A 576 5.09 24.86 35.92
C GLN A 576 4.71 25.30 37.34
N ASP A 577 3.50 24.95 37.79
CA ASP A 577 3.01 25.23 39.12
C ASP A 577 3.97 24.67 40.18
N ILE A 578 4.50 23.47 39.92
CA ILE A 578 5.40 22.80 40.87
C ILE A 578 6.72 23.56 40.94
N VAL A 579 7.23 23.98 39.78
CA VAL A 579 8.45 24.77 39.70
C VAL A 579 8.26 26.10 40.46
N ASN A 580 7.09 26.75 40.28
CA ASN A 580 6.78 28.02 40.91
C ASN A 580 6.42 27.84 42.40
N LYS A 581 6.30 26.59 42.86
CA LYS A 581 5.90 26.26 44.23
C LYS A 581 4.60 26.99 44.60
N ASP A 582 3.61 26.91 43.69
CA ASP A 582 2.36 27.64 43.77
C ASP A 582 1.24 26.67 44.12
N MET A 583 1.13 26.31 45.41
CA MET A 583 0.31 25.22 45.86
C MET A 583 -1.14 25.41 45.39
N SER A 584 -1.60 26.66 45.37
CA SER A 584 -2.99 26.96 45.05
C SER A 584 -3.26 26.71 43.56
N GLU A 585 -2.37 27.19 42.69
CA GLU A 585 -2.53 27.06 41.25
C GLU A 585 -2.43 25.59 40.86
N PHE A 586 -1.54 24.87 41.52
CA PHE A 586 -1.30 23.45 41.30
C PHE A 586 -2.56 22.63 41.55
N TRP A 587 -3.31 22.97 42.60
CA TRP A 587 -4.49 22.21 43.00
C TRP A 587 -5.54 22.31 41.91
N SER A 588 -5.73 23.54 41.43
CA SER A 588 -6.72 23.88 40.43
C SER A 588 -6.41 23.18 39.09
N ASP A 589 -5.16 23.29 38.64
CA ASP A 589 -4.74 22.75 37.36
C ASP A 589 -4.79 21.23 37.40
N ASN A 590 -4.29 20.66 38.49
CA ASN A 590 -4.37 19.23 38.73
C ASN A 590 -5.81 18.74 38.58
N PHE A 591 -6.76 19.49 39.16
CA PHE A 591 -8.18 19.15 39.09
C PHE A 591 -8.69 19.24 37.65
N GLU A 592 -8.34 20.31 36.94
CA GLU A 592 -8.74 20.42 35.55
C GLU A 592 -8.12 19.29 34.72
N GLY A 593 -6.90 18.86 35.06
CA GLY A 593 -6.19 17.83 34.33
C GLY A 593 -6.84 16.47 34.49
N ILE A 594 -7.29 16.19 35.73
CA ILE A 594 -7.99 14.94 35.98
C ILE A 594 -9.27 14.92 35.15
N LYS A 595 -9.96 16.06 35.03
CA LYS A 595 -11.20 16.11 34.25
C LYS A 595 -10.91 15.84 32.77
N LEU A 596 -9.83 16.42 32.24
CA LEU A 596 -9.45 16.19 30.84
C LEU A 596 -9.09 14.72 30.61
N LEU A 597 -8.36 14.11 31.55
CA LEU A 597 -8.04 12.70 31.47
C LEU A 597 -9.32 11.87 31.36
N ARG A 598 -10.33 12.22 32.17
CA ARG A 598 -11.63 11.55 32.13
C ARG A 598 -12.27 11.71 30.76
N ASN A 599 -12.26 12.92 30.20
CA ASN A 599 -12.81 13.11 28.87
C ASN A 599 -12.15 12.20 27.82
N LEU A 600 -10.82 12.00 27.92
CA LEU A 600 -10.04 11.19 26.99
C LEU A 600 -10.42 9.72 27.11
N ASP A 601 -10.47 9.23 28.35
CA ASP A 601 -10.80 7.85 28.66
C ASP A 601 -12.23 7.52 28.22
N GLY A 602 -13.04 8.55 27.97
CA GLY A 602 -14.40 8.28 27.56
C GLY A 602 -14.53 8.01 26.06
N ILE A 603 -13.43 8.19 25.30
CA ILE A 603 -13.53 8.08 23.85
C ILE A 603 -12.79 6.82 23.40
N LYS A 604 -13.50 6.00 22.62
CA LYS A 604 -13.08 4.66 22.22
C LYS A 604 -11.79 4.72 21.38
N ALA A 605 -11.73 5.69 20.47
CA ALA A 605 -10.66 5.86 19.50
C ALA A 605 -9.30 5.94 20.21
N THR A 606 -8.27 5.32 19.60
CA THR A 606 -6.93 5.27 20.15
C THR A 606 -6.00 6.12 19.27
N ILE A 607 -5.33 7.11 19.87
CA ILE A 607 -4.42 7.96 19.14
C ILE A 607 -3.44 8.56 20.14
N ALA A 608 -2.16 8.72 19.77
CA ALA A 608 -1.22 9.38 20.65
C ALA A 608 -1.06 8.60 21.95
N ASN A 609 -1.27 7.27 21.89
CA ASN A 609 -1.46 6.41 23.06
C ASN A 609 -0.12 5.88 23.57
N ASN A 610 0.96 5.98 22.79
CA ASN A 610 2.27 5.47 23.19
C ASN A 610 3.17 6.57 23.77
N VAL A 611 2.96 7.84 23.39
CA VAL A 611 3.87 8.93 23.77
C VAL A 611 3.14 9.99 24.60
N VAL A 612 2.08 10.61 24.07
CA VAL A 612 1.42 11.72 24.75
C VAL A 612 0.61 11.22 25.94
N ASP A 613 -0.12 10.12 25.74
CA ASP A 613 -1.00 9.58 26.75
C ASP A 613 -0.24 9.28 28.05
N PRO A 614 0.86 8.47 28.05
CA PRO A 614 1.61 8.24 29.29
C PRO A 614 2.21 9.49 29.93
N PHE A 615 2.55 10.48 29.09
CA PHE A 615 3.07 11.74 29.59
C PHE A 615 2.01 12.41 30.49
N ILE A 616 0.81 12.61 29.98
CA ILE A 616 -0.24 13.23 30.75
C ILE A 616 -0.54 12.41 32.01
N ARG A 617 -0.54 11.08 31.91
CA ARG A 617 -0.83 10.27 33.08
C ARG A 617 0.30 10.33 34.09
N LYS A 618 1.56 10.46 33.64
CA LYS A 618 2.67 10.54 34.59
C LYS A 618 2.60 11.84 35.38
N VAL A 619 2.22 12.93 34.72
CA VAL A 619 2.11 14.23 35.38
C VAL A 619 1.11 14.16 36.54
N HIS A 620 -0.01 13.45 36.35
CA HIS A 620 -0.88 13.12 37.47
C HIS A 620 -0.40 11.83 38.13
C1 EDO B . -3.51 -10.20 11.88
O1 EDO B . -4.79 -9.68 12.17
C2 EDO B . -3.21 -10.06 10.46
O2 EDO B . -3.96 -8.98 9.95
C1 EDO C . 3.04 16.31 4.17
O1 EDO C . 2.98 16.51 2.76
C2 EDO C . 3.95 17.23 4.89
O2 EDO C . 4.06 18.53 4.32
C1 EDO D . 16.34 -18.58 -4.81
O1 EDO D . 17.15 -19.07 -3.76
C2 EDO D . 15.80 -17.20 -4.59
O2 EDO D . 16.76 -16.16 -4.56
C1 EDO E . -18.23 -0.68 9.62
O1 EDO E . -18.23 -1.37 10.87
C2 EDO E . -17.06 0.21 9.42
O2 EDO E . -16.24 -0.11 8.29
C1 EDO F . 5.11 -29.19 12.08
O1 EDO F . 5.31 -28.68 10.79
C2 EDO F . 3.80 -29.75 12.03
O2 EDO F . 3.89 -30.66 10.95
#